data_5Z7N
#
_entry.id   5Z7N
#
_cell.length_a   131.110
_cell.length_b   200.360
_cell.length_c   59.510
_cell.angle_alpha   90.000
_cell.angle_beta   90.000
_cell.angle_gamma   90.000
#
_symmetry.space_group_name_H-M   'C 2 2 21'
#
loop_
_entity.id
_entity.type
_entity.pdbx_description
1 polymer 'Chitinase A'
2 branched 2-acetamido-2-deoxy-beta-D-glucopyranose-(1-4)-2-acetamido-2-deoxy-beta-D-glucopyranose-(1-4)-2-acetamido-2-deoxy-beta-D-glucopyranose-(1-4)-2-acetamido-2-deoxy-beta-D-glucopyranose-(1-4)-2-acetamido-2-deoxy-alpha-D-glucopyranose
3 non-polymer 2-acetamido-2-deoxy-beta-D-glucopyranose
4 non-polymer GLYCEROL
5 water water
#
_entity_poly.entity_id   1
_entity_poly.type   'polypeptide(L)'
_entity_poly.pdbx_seq_one_letter_code
;AAPGKPTIAWGNTKFAIVEVDQAATAYNNLVKVKNAADVSVSWNLWNGDTGTTAKVLLNGKEAWSGPSTGSSGTANFKVN
KGGRYQMQVALCNADGCTASDATEIVVADTDGSHLAPLKEPLLEKNKPYKQNSGKVVGSYFVEWGVYGRNFTVDKIPAQN
LTHLLYGFIPICGGNGINDSLKEIEGSFQALQRSCQGREDFKVSIHDPFAALQKAQKGVTAWDDPYKGNFGQLMALKQAH
PDLKILPSIGGWTLSDPFFFMGDKVKRDRFVGSVKEFLQTWKFFDGVDIAWEFPGGKGANPNLGSPQDGETYVLLMKELR
AMLDQLSVETGRKYELTSAISAGKDMIDKVAYNVAQNSMDHIFLMSYDFYGAADLKNLGHQTALNAPAWKPDTAYTTVNG
VNALLAQGVKPGKIVVGTAMYGRGWTGVNGYQNNIPFTGTATGPVKGTWENGIVDYRQIAGQFMSGEWQYTYDATAEAPY
VFKPSTGDLITFDDARSVQAKGKYVLDKQLGGLFSAMIDADNGDILNSMNASLGNSAGVQHHHHHH
;
_entity_poly.pdbx_strand_id   A
#
# COMPACT_ATOMS: atom_id res chain seq x y z
N ALA A 1 -37.07 -21.06 43.05
CA ALA A 1 -35.67 -20.65 43.06
C ALA A 1 -35.25 -20.28 41.64
N ALA A 2 -34.22 -19.44 41.53
CA ALA A 2 -33.70 -19.07 40.23
C ALA A 2 -33.11 -20.29 39.53
N PRO A 3 -32.92 -20.21 38.23
CA PRO A 3 -32.42 -21.39 37.50
C PRO A 3 -31.00 -21.74 37.90
N GLY A 4 -30.62 -22.97 37.56
CA GLY A 4 -29.23 -23.35 37.68
C GLY A 4 -28.34 -22.56 36.75
N LYS A 5 -27.04 -22.59 37.04
CA LYS A 5 -26.06 -21.84 36.26
C LYS A 5 -25.66 -22.63 35.03
N PRO A 6 -25.91 -22.12 33.83
CA PRO A 6 -25.59 -22.89 32.61
C PRO A 6 -24.10 -22.89 32.33
N THR A 7 -23.67 -23.94 31.64
CA THR A 7 -22.31 -24.10 31.15
C THR A 7 -22.32 -23.91 29.64
N ILE A 8 -21.51 -22.97 29.16
CA ILE A 8 -21.43 -22.75 27.72
C ILE A 8 -20.77 -23.95 27.07
N ALA A 9 -21.35 -24.42 25.98
CA ALA A 9 -20.82 -25.58 25.28
C ALA A 9 -19.52 -25.23 24.59
N TRP A 10 -18.58 -26.18 24.59
CA TRP A 10 -17.40 -26.03 23.75
C TRP A 10 -17.82 -25.88 22.30
N GLY A 11 -17.20 -24.95 21.60
CA GLY A 11 -17.55 -24.74 20.21
C GLY A 11 -16.75 -23.60 19.62
N ASN A 12 -16.93 -23.41 18.33
CA ASN A 12 -16.26 -22.29 17.66
C ASN A 12 -16.68 -20.98 18.30
N THR A 13 -15.70 -20.11 18.54
CA THR A 13 -15.94 -18.77 19.09
C THR A 13 -15.43 -17.67 18.18
N LYS A 14 -15.03 -18.00 16.95
CA LYS A 14 -14.43 -17.04 16.03
C LYS A 14 -15.34 -16.87 14.84
N PHE A 15 -15.81 -15.64 14.60
CA PHE A 15 -16.80 -15.35 13.57
C PHE A 15 -16.32 -14.14 12.76
N ALA A 16 -16.95 -13.94 11.59
CA ALA A 16 -16.48 -12.92 10.66
C ALA A 16 -17.63 -12.22 9.95
N ILE A 17 -17.57 -10.89 9.91
CA ILE A 17 -18.54 -10.09 9.18
C ILE A 17 -18.29 -10.18 7.67
N VAL A 18 -17.02 -10.10 7.28
CA VAL A 18 -16.59 -10.38 5.91
C VAL A 18 -16.00 -11.77 5.93
N GLU A 19 -16.66 -12.71 5.29
CA GLU A 19 -16.23 -14.10 5.29
C GLU A 19 -15.25 -14.33 4.15
N VAL A 20 -14.31 -15.24 4.38
CA VAL A 20 -13.32 -15.64 3.39
C VAL A 20 -13.57 -17.11 3.07
N ASP A 21 -13.70 -17.40 1.78
CA ASP A 21 -13.83 -18.78 1.33
C ASP A 21 -12.42 -19.34 1.15
N GLN A 22 -12.09 -20.38 1.93
CA GLN A 22 -10.72 -20.90 1.95
C GLN A 22 -10.41 -21.82 0.79
N ALA A 23 -11.39 -22.14 -0.06
CA ALA A 23 -11.20 -22.99 -1.23
C ALA A 23 -11.70 -22.27 -2.47
N ALA A 24 -11.13 -21.08 -2.72
CA ALA A 24 -11.54 -20.28 -3.86
C ALA A 24 -10.37 -19.45 -4.37
N THR A 25 -10.21 -19.41 -5.68
CA THR A 25 -9.18 -18.59 -6.30
C THR A 25 -9.73 -17.36 -7.01
N ALA A 26 -11.03 -17.32 -7.25
CA ALA A 26 -11.66 -16.18 -7.90
C ALA A 26 -12.07 -15.17 -6.83
N TYR A 27 -11.71 -13.89 -7.05
CA TYR A 27 -12.01 -12.84 -6.09
C TYR A 27 -13.50 -12.78 -5.77
N ASN A 28 -14.36 -13.02 -6.77
CA ASN A 28 -15.81 -12.98 -6.53
C ASN A 28 -16.23 -14.00 -5.47
N ASN A 29 -15.58 -15.16 -5.44
CA ASN A 29 -15.92 -16.20 -4.47
C ASN A 29 -15.09 -16.08 -3.18
N LEU A 30 -13.90 -15.48 -3.27
CA LEU A 30 -12.98 -15.44 -2.14
C LEU A 30 -13.55 -14.66 -0.96
N VAL A 31 -14.27 -13.57 -1.24
CA VAL A 31 -14.69 -12.61 -0.23
C VAL A 31 -16.21 -12.55 -0.26
N LYS A 32 -16.84 -12.64 0.90
CA LYS A 32 -18.29 -12.48 1.02
C LYS A 32 -18.59 -11.44 2.09
N VAL A 33 -19.00 -10.25 1.67
CA VAL A 33 -19.35 -9.19 2.62
C VAL A 33 -20.77 -9.41 3.11
N LYS A 34 -20.93 -9.51 4.43
CA LYS A 34 -22.24 -9.59 5.04
C LYS A 34 -22.51 -8.33 5.85
N ASN A 35 -23.79 -8.09 6.13
CA ASN A 35 -24.16 -6.99 7.01
C ASN A 35 -23.82 -7.28 8.46
N ALA A 36 -23.66 -8.55 8.81
CA ALA A 36 -23.40 -8.93 10.18
C ALA A 36 -22.87 -10.35 10.18
N ALA A 37 -22.14 -10.69 11.23
CA ALA A 37 -21.62 -12.04 11.39
C ALA A 37 -22.70 -12.95 11.96
N ASP A 38 -22.76 -14.17 11.45
CA ASP A 38 -23.66 -15.19 11.98
C ASP A 38 -22.95 -15.89 13.14
N VAL A 39 -23.48 -15.71 14.34
CA VAL A 39 -22.84 -16.23 15.54
C VAL A 39 -23.73 -17.33 16.11
N SER A 40 -23.10 -18.34 16.70
CA SER A 40 -23.86 -19.43 17.31
C SER A 40 -23.24 -19.76 18.67
N VAL A 41 -24.09 -20.07 19.64
CA VAL A 41 -23.66 -20.50 20.96
C VAL A 41 -24.60 -21.60 21.43
N SER A 42 -24.05 -22.58 22.15
CA SER A 42 -24.86 -23.61 22.79
C SER A 42 -24.51 -23.69 24.26
N TRP A 43 -25.35 -24.39 25.03
CA TRP A 43 -25.13 -24.51 26.45
C TRP A 43 -25.77 -25.80 26.96
N ASN A 44 -25.27 -26.24 28.11
CA ASN A 44 -25.86 -27.34 28.86
C ASN A 44 -26.09 -26.89 30.29
N LEU A 45 -27.12 -27.44 30.93
CA LEU A 45 -27.36 -27.19 32.34
C LEU A 45 -27.20 -28.50 33.09
N TRP A 46 -26.22 -28.56 33.98
CA TRP A 46 -25.91 -29.76 34.72
C TRP A 46 -26.58 -29.83 36.09
N ASN A 47 -26.87 -28.69 36.72
CA ASN A 47 -27.45 -28.66 38.06
C ASN A 47 -28.56 -27.63 38.10
N GLY A 48 -29.76 -28.05 38.46
CA GLY A 48 -30.86 -27.14 38.75
C GLY A 48 -31.97 -27.17 37.72
N ASP A 49 -32.84 -26.17 37.85
CA ASP A 49 -33.97 -25.95 36.96
C ASP A 49 -33.46 -25.19 35.75
N THR A 50 -33.93 -25.57 34.55
CA THR A 50 -33.46 -24.94 33.33
C THR A 50 -34.05 -23.56 33.09
N GLY A 51 -34.93 -23.08 33.97
CA GLY A 51 -35.55 -21.78 33.74
C GLY A 51 -36.61 -21.82 32.66
N THR A 52 -37.15 -20.65 32.33
N THR A 52 -37.14 -20.63 32.39
CA THR A 52 -38.14 -20.57 31.26
CA THR A 52 -38.20 -20.37 31.42
C THR A 52 -37.73 -19.68 30.10
C THR A 52 -37.66 -19.76 30.14
N THR A 53 -36.73 -18.81 30.26
CA THR A 53 -36.20 -18.04 29.15
C THR A 53 -34.69 -18.17 29.18
N ALA A 54 -34.10 -18.39 28.01
CA ALA A 54 -32.66 -18.39 27.86
C ALA A 54 -32.26 -17.16 27.07
N LYS A 55 -31.13 -16.55 27.46
CA LYS A 55 -30.65 -15.35 26.80
C LYS A 55 -29.17 -15.50 26.52
N VAL A 56 -28.73 -14.91 25.42
CA VAL A 56 -27.32 -14.74 25.14
C VAL A 56 -27.00 -13.26 25.32
N LEU A 57 -26.02 -12.97 26.18
CA LEU A 57 -25.58 -11.62 26.45
C LEU A 57 -24.19 -11.39 25.86
N LEU A 58 -23.96 -10.20 25.28
CA LEU A 58 -22.63 -9.77 24.87
C LEU A 58 -22.32 -8.52 25.69
N ASN A 59 -21.29 -8.61 26.52
CA ASN A 59 -20.95 -7.52 27.45
C ASN A 59 -22.17 -7.08 28.24
N GLY A 60 -22.98 -8.06 28.66
CA GLY A 60 -24.16 -7.78 29.46
C GLY A 60 -25.40 -7.42 28.67
N LYS A 61 -25.31 -7.26 27.36
CA LYS A 61 -26.46 -6.83 26.56
C LYS A 61 -27.02 -7.99 25.75
N GLU A 62 -28.35 -8.15 25.81
CA GLU A 62 -28.99 -9.28 25.14
C GLU A 62 -28.82 -9.21 23.62
N ALA A 63 -28.30 -10.29 23.06
CA ALA A 63 -28.23 -10.46 21.62
C ALA A 63 -29.23 -11.49 21.11
N TRP A 64 -29.82 -12.29 22.00
CA TRP A 64 -30.75 -13.33 21.63
C TRP A 64 -31.51 -13.75 22.86
N SER A 65 -32.78 -14.13 22.67
CA SER A 65 -33.61 -14.62 23.74
C SER A 65 -34.58 -15.64 23.16
N GLY A 66 -34.90 -16.66 23.94
CA GLY A 66 -35.84 -17.66 23.51
C GLY A 66 -36.31 -18.49 24.70
N PRO A 67 -37.34 -19.30 24.48
CA PRO A 67 -37.79 -20.18 25.57
C PRO A 67 -36.73 -21.21 25.91
N SER A 68 -36.59 -21.49 27.20
CA SER A 68 -35.66 -22.50 27.67
C SER A 68 -36.43 -23.80 27.78
N THR A 69 -36.18 -24.73 26.85
CA THR A 69 -37.04 -25.89 26.68
C THR A 69 -36.39 -27.20 27.13
N GLY A 70 -35.17 -27.18 27.63
CA GLY A 70 -34.57 -28.40 28.12
C GLY A 70 -33.19 -28.14 28.66
N SER A 71 -32.47 -29.23 28.90
CA SER A 71 -31.18 -29.11 29.57
C SER A 71 -30.06 -28.65 28.66
N SER A 72 -30.29 -28.64 27.35
CA SER A 72 -29.34 -28.07 26.41
C SER A 72 -30.08 -27.14 25.45
N GLY A 73 -29.34 -26.20 24.88
CA GLY A 73 -29.95 -25.31 23.90
C GLY A 73 -28.90 -24.74 22.98
N THR A 74 -29.39 -24.14 21.88
CA THR A 74 -28.56 -23.51 20.87
C THR A 74 -29.23 -22.22 20.44
N ALA A 75 -28.42 -21.17 20.27
CA ALA A 75 -28.89 -19.87 19.81
C ALA A 75 -28.08 -19.44 18.60
N ASN A 76 -28.77 -18.91 17.58
CA ASN A 76 -28.14 -18.35 16.40
C ASN A 76 -28.60 -16.91 16.26
N PHE A 77 -27.65 -15.99 16.09
CA PHE A 77 -27.98 -14.57 16.05
C PHE A 77 -26.89 -13.85 15.27
N LYS A 78 -27.12 -12.57 15.02
CA LYS A 78 -26.23 -11.76 14.21
C LYS A 78 -25.53 -10.72 15.07
N VAL A 79 -24.28 -10.41 14.73
CA VAL A 79 -23.51 -9.38 15.41
C VAL A 79 -22.93 -8.47 14.33
N ASN A 80 -23.24 -7.19 14.39
CA ASN A 80 -22.92 -6.32 13.27
C ASN A 80 -21.74 -5.40 13.51
N LYS A 81 -21.00 -5.60 14.60
CA LYS A 81 -19.83 -4.80 14.91
C LYS A 81 -18.66 -5.70 15.29
N GLY A 82 -17.52 -5.48 14.64
CA GLY A 82 -16.35 -6.28 14.94
C GLY A 82 -15.77 -5.97 16.30
N GLY A 83 -15.07 -6.95 16.86
CA GLY A 83 -14.39 -6.78 18.12
C GLY A 83 -14.43 -8.07 18.91
N ARG A 84 -14.07 -7.96 20.19
CA ARG A 84 -14.11 -9.10 21.08
C ARG A 84 -15.16 -8.84 22.16
N TYR A 85 -15.95 -9.87 22.48
CA TYR A 85 -17.08 -9.71 23.39
C TYR A 85 -17.02 -10.75 24.50
N GLN A 86 -17.40 -10.35 25.72
CA GLN A 86 -17.58 -11.30 26.80
C GLN A 86 -19.01 -11.84 26.69
N MET A 87 -19.13 -13.08 26.23
CA MET A 87 -20.43 -13.69 25.98
C MET A 87 -20.85 -14.54 27.17
N GLN A 88 -22.11 -14.43 27.55
CA GLN A 88 -22.69 -15.26 28.59
C GLN A 88 -24.03 -15.82 28.12
N VAL A 89 -24.38 -16.97 28.66
CA VAL A 89 -25.75 -17.50 28.55
C VAL A 89 -26.38 -17.32 29.92
N ALA A 90 -27.57 -16.74 29.96
CA ALA A 90 -28.32 -16.61 31.21
C ALA A 90 -29.62 -17.38 31.08
N LEU A 91 -29.98 -18.07 32.16
CA LEU A 91 -31.28 -18.75 32.26
C LEU A 91 -32.09 -17.98 33.27
N CYS A 92 -33.34 -17.65 32.92
CA CYS A 92 -34.16 -16.79 33.76
C CYS A 92 -35.48 -17.46 34.04
N ASN A 93 -36.01 -17.21 35.24
CA ASN A 93 -37.39 -17.51 35.56
C ASN A 93 -37.92 -16.38 36.44
N ALA A 94 -39.14 -16.54 36.94
CA ALA A 94 -39.73 -15.49 37.75
C ALA A 94 -38.93 -15.18 39.01
N ASP A 95 -38.13 -16.15 39.48
CA ASP A 95 -37.35 -16.00 40.70
C ASP A 95 -35.95 -15.42 40.48
N GLY A 96 -35.52 -15.23 39.24
CA GLY A 96 -34.23 -14.60 38.99
C GLY A 96 -33.58 -15.13 37.73
N CYS A 97 -32.45 -14.52 37.39
CA CYS A 97 -31.64 -14.90 36.25
C CYS A 97 -30.28 -15.36 36.75
N THR A 98 -29.77 -16.43 36.14
CA THR A 98 -28.49 -17.01 36.53
C THR A 98 -27.62 -17.07 35.28
N ALA A 99 -26.49 -16.36 35.32
CA ALA A 99 -25.63 -16.20 34.13
C ALA A 99 -24.43 -17.12 34.22
N SER A 100 -24.07 -17.70 33.07
CA SER A 100 -22.88 -18.51 32.98
C SER A 100 -21.64 -17.65 33.23
N ASP A 101 -20.51 -18.31 33.44
CA ASP A 101 -19.25 -17.60 33.29
C ASP A 101 -19.13 -17.09 31.87
N ALA A 102 -18.30 -16.06 31.67
CA ALA A 102 -18.15 -15.48 30.34
C ALA A 102 -17.16 -16.29 29.49
N THR A 103 -17.48 -16.41 28.21
CA THR A 103 -16.58 -16.93 27.19
C THR A 103 -16.36 -15.82 26.17
N GLU A 104 -15.09 -15.54 25.84
CA GLU A 104 -14.83 -14.50 24.85
C GLU A 104 -15.18 -15.01 23.46
N ILE A 105 -15.87 -14.19 22.68
CA ILE A 105 -16.04 -14.47 21.26
C ILE A 105 -15.35 -13.38 20.46
N VAL A 106 -14.97 -13.73 19.23
CA VAL A 106 -14.27 -12.82 18.34
C VAL A 106 -15.11 -12.65 17.10
N VAL A 107 -15.45 -11.41 16.78
CA VAL A 107 -16.21 -11.09 15.58
C VAL A 107 -15.27 -10.28 14.70
N ALA A 108 -14.82 -10.88 13.60
CA ALA A 108 -13.81 -10.22 12.78
C ALA A 108 -14.45 -9.26 11.80
N ASP A 109 -13.72 -8.20 11.49
CA ASP A 109 -14.12 -7.29 10.42
C ASP A 109 -12.84 -6.70 9.83
N THR A 110 -12.98 -6.12 8.64
CA THR A 110 -11.78 -5.72 7.90
C THR A 110 -11.20 -4.37 8.33
N ASP A 111 -11.72 -3.77 9.40
CA ASP A 111 -11.01 -2.70 10.05
C ASP A 111 -9.95 -3.19 11.03
N GLY A 112 -9.86 -4.51 11.27
CA GLY A 112 -8.94 -5.05 12.22
C GLY A 112 -9.38 -4.95 13.66
N SER A 113 -10.66 -4.64 13.90
CA SER A 113 -11.17 -4.48 15.26
C SER A 113 -11.03 -5.72 16.11
N HIS A 114 -10.87 -6.89 15.49
CA HIS A 114 -10.69 -8.14 16.21
C HIS A 114 -9.22 -8.47 16.52
N LEU A 115 -8.27 -7.69 16.02
CA LEU A 115 -6.86 -8.07 16.05
C LEU A 115 -6.10 -7.29 17.11
N ALA A 116 -5.17 -7.96 17.77
CA ALA A 116 -4.18 -7.28 18.59
C ALA A 116 -3.35 -6.36 17.70
N PRO A 117 -2.90 -5.22 18.24
CA PRO A 117 -2.09 -4.31 17.43
C PRO A 117 -0.78 -4.97 17.03
N LEU A 118 -0.39 -4.76 15.77
CA LEU A 118 0.90 -5.22 15.26
C LEU A 118 1.89 -4.09 15.52
N LYS A 119 2.58 -4.16 16.67
N LYS A 119 2.59 -4.21 16.65
CA LYS A 119 3.50 -3.12 17.09
CA LYS A 119 3.49 -3.20 17.19
C LYS A 119 4.87 -3.77 17.25
C LYS A 119 4.85 -3.85 17.27
N GLU A 120 5.61 -3.77 16.19
CA GLU A 120 6.86 -4.51 16.14
C GLU A 120 8.05 -3.57 16.30
N PRO A 121 9.13 -4.09 16.86
CA PRO A 121 10.34 -3.27 17.01
C PRO A 121 10.91 -2.87 15.66
N LEU A 122 11.53 -1.71 15.64
CA LEU A 122 12.26 -1.28 14.45
C LEU A 122 13.44 -2.22 14.22
N LEU A 123 13.66 -2.56 12.96
CA LEU A 123 14.74 -3.46 12.56
C LEU A 123 15.84 -2.70 11.85
N GLU A 124 16.95 -3.41 11.62
CA GLU A 124 18.11 -2.89 10.86
C GLU A 124 18.53 -1.54 11.45
N LYS A 125 18.72 -0.51 10.63
N LYS A 125 18.72 -0.51 10.63
CA LYS A 125 19.21 0.78 11.10
CA LYS A 125 19.21 0.78 11.10
C LYS A 125 18.08 1.78 11.36
C LYS A 125 18.08 1.79 11.33
N ASN A 126 16.83 1.36 11.24
CA ASN A 126 15.71 2.28 11.45
C ASN A 126 15.71 2.79 12.88
N LYS A 127 15.56 4.11 13.04
CA LYS A 127 15.49 4.77 14.32
C LYS A 127 14.14 5.47 14.46
N PRO A 128 13.62 5.61 15.67
CA PRO A 128 12.26 6.13 15.83
C PRO A 128 12.18 7.63 15.61
N TYR A 129 11.14 8.03 14.88
CA TYR A 129 10.80 9.43 14.67
C TYR A 129 9.34 9.65 15.01
N LYS A 130 9.03 10.87 15.45
CA LYS A 130 7.66 11.31 15.64
C LYS A 130 7.20 12.00 14.36
N GLN A 131 5.94 11.78 13.99
CA GLN A 131 5.38 12.43 12.81
C GLN A 131 4.80 13.79 13.21
N ASN A 132 5.69 14.74 13.47
CA ASN A 132 5.25 16.05 13.94
C ASN A 132 5.64 17.21 13.04
N SER A 133 6.26 16.95 11.88
CA SER A 133 6.57 18.03 10.97
C SER A 133 5.35 18.54 10.21
N GLY A 134 4.29 17.74 10.13
CA GLY A 134 3.21 18.08 9.23
C GLY A 134 3.50 17.77 7.77
N LYS A 135 4.59 17.08 7.47
CA LYS A 135 4.92 16.74 6.09
C LYS A 135 4.60 15.28 5.82
N VAL A 136 4.34 14.96 4.55
CA VAL A 136 4.13 13.57 4.16
C VAL A 136 5.46 12.84 4.25
N VAL A 137 5.44 11.64 4.84
CA VAL A 137 6.55 10.70 4.77
C VAL A 137 5.94 9.39 4.29
N GLY A 138 6.11 9.07 3.01
CA GLY A 138 5.43 7.92 2.45
C GLY A 138 6.34 6.85 1.89
N SER A 139 5.83 5.63 1.77
CA SER A 139 6.58 4.60 1.07
C SER A 139 5.60 3.56 0.54
N TYR A 140 5.99 2.91 -0.56
CA TYR A 140 5.24 1.83 -1.15
C TYR A 140 5.79 0.49 -0.66
N PHE A 141 4.89 -0.44 -0.39
CA PHE A 141 5.19 -1.83 -0.05
C PHE A 141 4.58 -2.69 -1.15
N VAL A 142 5.37 -3.60 -1.73
CA VAL A 142 4.92 -4.43 -2.86
C VAL A 142 4.40 -5.78 -2.38
N GLU A 143 3.25 -6.18 -2.94
CA GLU A 143 2.55 -7.39 -2.56
C GLU A 143 3.44 -8.63 -2.62
N TRP A 144 4.26 -8.73 -3.67
CA TRP A 144 5.11 -9.90 -3.90
C TRP A 144 6.41 -9.84 -3.12
N GLY A 145 6.65 -8.78 -2.35
CA GLY A 145 7.86 -8.68 -1.57
C GLY A 145 7.98 -9.72 -0.46
N VAL A 146 6.88 -10.42 -0.15
CA VAL A 146 6.87 -11.43 0.90
C VAL A 146 7.48 -12.76 0.45
N TYR A 147 7.82 -12.89 -0.83
CA TYR A 147 8.38 -14.13 -1.34
C TYR A 147 9.90 -14.07 -1.21
N GLY A 148 10.61 -13.94 -2.34
CA GLY A 148 12.06 -13.96 -2.29
C GLY A 148 12.68 -12.89 -1.41
N ARG A 149 12.12 -11.67 -1.45
CA ARG A 149 12.62 -10.59 -0.61
C ARG A 149 12.34 -10.82 0.87
N ASN A 150 11.38 -11.69 1.19
CA ASN A 150 11.00 -12.00 2.57
C ASN A 150 10.66 -10.76 3.39
N PHE A 151 10.11 -9.74 2.76
CA PHE A 151 9.82 -8.48 3.46
C PHE A 151 8.33 -8.36 3.68
N THR A 152 7.91 -8.62 4.90
CA THR A 152 6.51 -8.68 5.28
C THR A 152 6.11 -7.42 6.04
N VAL A 153 4.80 -7.28 6.25
CA VAL A 153 4.25 -6.06 6.84
C VAL A 153 4.81 -5.81 8.24
N ASP A 154 5.09 -6.86 9.00
CA ASP A 154 5.68 -6.68 10.33
C ASP A 154 7.09 -6.10 10.29
N LYS A 155 7.72 -6.06 9.13
CA LYS A 155 9.02 -5.42 8.95
C LYS A 155 8.94 -3.96 8.55
N ILE A 156 7.74 -3.46 8.25
CA ILE A 156 7.62 -2.04 7.90
C ILE A 156 7.93 -1.19 9.13
N PRO A 157 8.81 -0.21 9.04
CA PRO A 157 9.02 0.74 10.17
C PRO A 157 7.90 1.77 10.22
N ALA A 158 6.71 1.30 10.60
CA ALA A 158 5.47 2.03 10.36
C ALA A 158 5.36 3.33 11.14
N GLN A 159 5.97 3.40 12.33
CA GLN A 159 5.88 4.65 13.08
C GLN A 159 6.59 5.79 12.37
N ASN A 160 7.45 5.48 11.40
CA ASN A 160 8.25 6.47 10.69
C ASN A 160 7.61 6.89 9.36
N LEU A 161 6.34 6.57 9.14
CA LEU A 161 5.63 6.96 7.94
C LEU A 161 4.34 7.67 8.33
N THR A 162 3.90 8.56 7.43
CA THR A 162 2.53 9.05 7.47
C THR A 162 1.63 8.29 6.50
N HIS A 163 2.21 7.76 5.42
CA HIS A 163 1.46 7.10 4.35
C HIS A 163 2.19 5.82 3.98
N LEU A 164 1.45 4.73 3.93
CA LEU A 164 1.94 3.45 3.47
C LEU A 164 1.07 3.05 2.29
N LEU A 165 1.70 2.90 1.13
CA LEU A 165 0.96 2.59 -0.09
C LEU A 165 1.19 1.12 -0.46
N TYR A 166 0.12 0.44 -0.82
CA TYR A 166 0.18 -0.99 -1.11
C TYR A 166 0.17 -1.17 -2.62
N GLY A 167 1.29 -1.64 -3.16
CA GLY A 167 1.39 -1.90 -4.59
C GLY A 167 1.34 -3.38 -4.89
N PHE A 168 0.45 -3.77 -5.81
CA PHE A 168 -0.49 -2.92 -6.54
C PHE A 168 -1.79 -3.68 -6.74
N ILE A 169 -2.89 -2.93 -6.79
CA ILE A 169 -4.22 -3.47 -7.02
C ILE A 169 -4.46 -3.49 -8.52
N PRO A 170 -4.80 -4.63 -9.11
CA PRO A 170 -5.03 -4.69 -10.56
C PRO A 170 -6.46 -4.32 -10.91
N ILE A 171 -6.68 -4.08 -12.21
CA ILE A 171 -7.98 -3.87 -12.81
C ILE A 171 -8.24 -5.06 -13.72
N CYS A 172 -9.40 -5.71 -13.56
CA CYS A 172 -9.66 -6.94 -14.29
C CYS A 172 -9.68 -6.69 -15.80
N GLY A 173 -9.20 -7.67 -16.55
CA GLY A 173 -9.27 -7.62 -18.00
C GLY A 173 -8.31 -8.59 -18.62
N GLY A 174 -8.73 -9.26 -19.70
CA GLY A 174 -7.87 -10.20 -20.40
C GLY A 174 -7.14 -9.62 -21.60
N ASN A 175 -7.23 -10.31 -22.74
CA ASN A 175 -6.49 -9.90 -23.93
C ASN A 175 -6.83 -8.48 -24.31
N GLY A 176 -5.80 -7.70 -24.65
CA GLY A 176 -5.95 -6.32 -25.03
C GLY A 176 -6.13 -5.35 -23.88
N ILE A 177 -6.38 -5.84 -22.67
CA ILE A 177 -6.66 -4.99 -21.52
C ILE A 177 -5.51 -5.01 -20.52
N ASN A 178 -4.87 -6.15 -20.31
CA ASN A 178 -3.71 -6.30 -19.41
C ASN A 178 -2.56 -7.01 -20.12
N ASP A 179 -2.33 -6.69 -21.40
CA ASP A 179 -1.28 -7.37 -22.16
C ASP A 179 0.10 -7.16 -21.53
N SER A 180 0.32 -6.05 -20.82
CA SER A 180 1.63 -5.82 -20.23
C SER A 180 2.01 -6.92 -19.22
N LEU A 181 1.02 -7.56 -18.60
N LEU A 181 1.02 -7.57 -18.61
CA LEU A 181 1.33 -8.61 -17.64
CA LEU A 181 1.30 -8.62 -17.65
C LEU A 181 1.93 -9.85 -18.30
C LEU A 181 1.93 -9.83 -18.31
N LYS A 182 1.69 -10.04 -19.60
CA LYS A 182 2.19 -11.22 -20.28
C LYS A 182 3.70 -11.28 -20.32
N GLU A 183 4.38 -10.16 -20.07
CA GLU A 183 5.84 -10.15 -20.04
C GLU A 183 6.41 -10.77 -18.77
N ILE A 184 5.56 -11.06 -17.78
CA ILE A 184 5.97 -11.68 -16.52
C ILE A 184 5.35 -13.06 -16.48
N GLU A 185 6.20 -14.09 -16.43
CA GLU A 185 5.71 -15.46 -16.52
C GLU A 185 4.64 -15.73 -15.48
N GLY A 186 3.49 -16.23 -15.94
CA GLY A 186 2.40 -16.62 -15.07
C GLY A 186 1.51 -15.49 -14.58
N SER A 187 1.92 -14.23 -14.74
CA SER A 187 1.23 -13.14 -14.05
C SER A 187 -0.10 -12.79 -14.71
N PHE A 188 -0.13 -12.76 -16.04
CA PHE A 188 -1.39 -12.54 -16.75
C PHE A 188 -2.41 -13.62 -16.40
N GLN A 189 -1.98 -14.89 -16.41
CA GLN A 189 -2.86 -15.98 -16.07
C GLN A 189 -3.35 -15.89 -14.63
N ALA A 190 -2.47 -15.46 -13.72
CA ALA A 190 -2.89 -15.30 -12.33
C ALA A 190 -4.01 -14.28 -12.21
N LEU A 191 -3.90 -13.16 -12.92
CA LEU A 191 -4.98 -12.18 -12.89
C LEU A 191 -6.26 -12.75 -13.49
N GLN A 192 -6.17 -13.50 -14.61
CA GLN A 192 -7.41 -14.03 -15.20
C GLN A 192 -8.11 -14.97 -14.24
N ARG A 193 -7.33 -15.72 -13.45
CA ARG A 193 -7.93 -16.62 -12.48
C ARG A 193 -8.58 -15.83 -11.35
N SER A 194 -7.91 -14.79 -10.86
CA SER A 194 -8.52 -13.94 -9.83
C SER A 194 -9.81 -13.31 -10.31
N CYS A 195 -9.87 -12.93 -11.60
CA CYS A 195 -10.98 -12.19 -12.17
C CYS A 195 -12.03 -13.06 -12.84
N GLN A 196 -11.97 -14.39 -12.65
CA GLN A 196 -12.94 -15.25 -13.32
C GLN A 196 -14.35 -14.90 -12.85
N GLY A 197 -15.25 -14.74 -13.81
CA GLY A 197 -16.62 -14.35 -13.52
C GLY A 197 -16.80 -12.90 -13.12
N ARG A 198 -15.74 -12.09 -13.19
CA ARG A 198 -15.78 -10.70 -12.78
C ARG A 198 -15.61 -9.80 -13.99
N GLU A 199 -16.41 -8.73 -14.04
CA GLU A 199 -16.40 -7.87 -15.21
C GLU A 199 -15.06 -7.18 -15.40
N ASP A 200 -14.64 -7.06 -16.66
CA ASP A 200 -13.51 -6.21 -17.00
C ASP A 200 -13.72 -4.81 -16.44
N PHE A 201 -12.62 -4.20 -16.02
CA PHE A 201 -12.56 -2.85 -15.49
C PHE A 201 -12.99 -2.71 -14.03
N LYS A 202 -13.30 -3.80 -13.33
CA LYS A 202 -13.44 -3.79 -11.89
C LYS A 202 -12.10 -4.16 -11.24
N VAL A 203 -11.84 -3.58 -10.07
CA VAL A 203 -10.60 -3.93 -9.37
C VAL A 203 -10.69 -5.36 -8.82
N SER A 204 -9.52 -5.94 -8.57
CA SER A 204 -9.44 -7.25 -7.93
C SER A 204 -8.17 -7.28 -7.06
N ILE A 205 -7.75 -8.49 -6.68
CA ILE A 205 -6.49 -8.69 -5.98
C ILE A 205 -5.64 -9.60 -6.87
N HIS A 206 -4.39 -9.19 -7.14
CA HIS A 206 -3.59 -9.93 -8.11
C HIS A 206 -3.16 -11.29 -7.57
N ASP A 207 -2.71 -11.32 -6.31
CA ASP A 207 -2.19 -12.52 -5.66
C ASP A 207 -2.95 -12.70 -4.35
N PRO A 208 -4.11 -13.36 -4.37
CA PRO A 208 -4.88 -13.55 -3.14
C PRO A 208 -4.12 -14.33 -2.07
N PHE A 209 -3.18 -15.18 -2.46
CA PHE A 209 -2.42 -15.90 -1.44
C PHE A 209 -1.59 -14.94 -0.61
N ALA A 210 -0.77 -14.12 -1.27
CA ALA A 210 0.04 -13.16 -0.54
C ALA A 210 -0.82 -12.17 0.20
N ALA A 211 -1.93 -11.73 -0.42
CA ALA A 211 -2.71 -10.64 0.14
C ALA A 211 -3.53 -11.08 1.34
N LEU A 212 -3.99 -12.33 1.36
CA LEU A 212 -5.00 -12.74 2.34
C LEU A 212 -4.76 -14.07 3.03
N GLN A 213 -3.95 -14.97 2.48
CA GLN A 213 -3.94 -16.34 2.98
C GLN A 213 -2.59 -16.82 3.51
N LYS A 214 -1.49 -16.21 3.12
CA LYS A 214 -0.19 -16.65 3.62
C LYS A 214 -0.08 -16.34 5.10
N ALA A 215 0.29 -17.35 5.89
CA ALA A 215 0.48 -17.12 7.32
C ALA A 215 1.56 -16.08 7.55
N GLN A 216 1.30 -15.16 8.48
CA GLN A 216 2.24 -14.11 8.82
C GLN A 216 2.09 -13.80 10.30
N LYS A 217 3.11 -13.13 10.85
CA LYS A 217 3.14 -12.82 12.28
C LYS A 217 1.84 -12.13 12.70
N GLY A 218 1.21 -12.68 13.75
CA GLY A 218 -0.03 -12.15 14.26
C GLY A 218 -1.30 -12.70 13.60
N VAL A 219 -1.18 -13.33 12.43
CA VAL A 219 -2.31 -13.92 11.74
C VAL A 219 -1.91 -15.32 11.25
N THR A 220 -1.62 -16.22 12.20
CA THR A 220 -1.19 -17.57 11.86
C THR A 220 -2.21 -18.65 12.20
N ALA A 221 -3.22 -18.37 13.01
CA ALA A 221 -4.19 -19.40 13.37
C ALA A 221 -5.07 -19.74 12.18
N TRP A 222 -5.37 -21.04 12.02
CA TRP A 222 -6.07 -21.48 10.83
C TRP A 222 -7.39 -20.75 10.61
N ASP A 223 -8.10 -20.42 11.70
CA ASP A 223 -9.39 -19.75 11.59
C ASP A 223 -9.31 -18.24 11.75
N ASP A 224 -8.10 -17.67 11.72
CA ASP A 224 -7.97 -16.22 11.53
C ASP A 224 -8.49 -15.90 10.13
N PRO A 225 -9.55 -15.11 9.99
CA PRO A 225 -10.13 -14.98 8.65
C PRO A 225 -9.27 -14.22 7.66
N TYR A 226 -8.53 -13.20 8.10
CA TYR A 226 -7.70 -12.38 7.23
C TYR A 226 -6.24 -12.59 7.63
N LYS A 227 -5.46 -13.21 6.73
CA LYS A 227 -4.04 -13.39 6.93
C LYS A 227 -3.29 -12.57 5.88
N GLY A 228 -2.07 -12.99 5.57
CA GLY A 228 -1.34 -12.31 4.51
C GLY A 228 -1.11 -10.82 4.78
N ASN A 229 -0.91 -10.09 3.69
CA ASN A 229 -0.61 -8.67 3.81
C ASN A 229 -1.79 -7.90 4.38
N PHE A 230 -3.01 -8.23 3.93
CA PHE A 230 -4.18 -7.48 4.38
C PHE A 230 -4.44 -7.69 5.87
N GLY A 231 -4.36 -8.94 6.34
CA GLY A 231 -4.51 -9.17 7.78
C GLY A 231 -3.50 -8.42 8.61
N GLN A 232 -2.23 -8.43 8.18
CA GLN A 232 -1.20 -7.69 8.91
C GLN A 232 -1.43 -6.19 8.81
N LEU A 233 -1.92 -5.70 7.66
CA LEU A 233 -2.17 -4.26 7.54
C LEU A 233 -3.32 -3.84 8.45
N MET A 234 -4.33 -4.70 8.61
CA MET A 234 -5.40 -4.40 9.56
C MET A 234 -4.83 -4.29 10.97
N ALA A 235 -3.98 -5.25 11.36
CA ALA A 235 -3.38 -5.18 12.69
C ALA A 235 -2.47 -3.97 12.82
N LEU A 236 -1.80 -3.58 11.73
CA LEU A 236 -0.97 -2.39 11.74
C LEU A 236 -1.80 -1.13 11.97
N LYS A 237 -2.99 -1.06 11.36
CA LYS A 237 -3.89 0.06 11.60
C LYS A 237 -4.29 0.13 13.07
N GLN A 238 -4.46 -1.02 13.72
CA GLN A 238 -4.80 -1.00 15.14
C GLN A 238 -3.66 -0.42 15.96
N ALA A 239 -2.41 -0.66 15.55
CA ALA A 239 -1.27 -0.09 16.26
C ALA A 239 -1.03 1.37 15.89
N HIS A 240 -1.39 1.78 14.67
CA HIS A 240 -1.12 3.12 14.16
C HIS A 240 -2.37 3.70 13.52
N PRO A 241 -3.36 4.11 14.32
CA PRO A 241 -4.62 4.56 13.74
C PRO A 241 -4.49 5.80 12.87
N ASP A 242 -3.41 6.57 13.01
CA ASP A 242 -3.22 7.76 12.21
C ASP A 242 -2.42 7.51 10.94
N LEU A 243 -1.91 6.29 10.76
CA LEU A 243 -1.22 5.95 9.52
C LEU A 243 -2.25 5.84 8.41
N LYS A 244 -1.98 6.48 7.27
CA LYS A 244 -2.84 6.35 6.11
C LYS A 244 -2.34 5.19 5.27
N ILE A 245 -3.18 4.18 5.08
CA ILE A 245 -2.84 3.01 4.27
C ILE A 245 -3.68 3.09 3.01
N LEU A 246 -3.02 3.27 1.88
CA LEU A 246 -3.72 3.47 0.62
C LEU A 246 -3.43 2.33 -0.34
N PRO A 247 -4.45 1.75 -0.97
CA PRO A 247 -4.22 0.80 -2.06
C PRO A 247 -3.82 1.58 -3.30
N SER A 248 -2.79 1.11 -3.99
CA SER A 248 -2.33 1.79 -5.20
C SER A 248 -2.74 0.96 -6.40
N ILE A 249 -3.54 1.55 -7.28
CA ILE A 249 -4.06 0.85 -8.45
C ILE A 249 -3.18 1.21 -9.62
N GLY A 250 -2.63 0.20 -10.27
CA GLY A 250 -1.80 0.45 -11.43
C GLY A 250 -0.36 0.03 -11.21
N GLY A 251 0.57 0.96 -11.43
CA GLY A 251 1.97 0.63 -11.53
C GLY A 251 2.34 0.26 -12.96
N TRP A 252 3.61 -0.07 -13.13
CA TRP A 252 4.18 -0.28 -14.46
C TRP A 252 3.42 -1.32 -15.27
N THR A 253 3.16 -2.50 -14.68
N THR A 253 3.16 -2.48 -14.66
CA THR A 253 2.58 -3.59 -15.48
CA THR A 253 2.60 -3.61 -15.41
C THR A 253 1.08 -3.77 -15.32
C THR A 253 1.07 -3.61 -15.44
N LEU A 254 0.42 -3.00 -14.45
CA LEU A 254 -1.02 -3.07 -14.28
C LEU A 254 -1.73 -1.80 -14.73
N SER A 255 -1.05 -0.95 -15.50
CA SER A 255 -1.65 0.31 -15.91
C SER A 255 -2.45 0.24 -17.21
N ASP A 256 -2.33 -0.83 -17.99
CA ASP A 256 -2.99 -0.83 -19.30
C ASP A 256 -4.48 -0.49 -19.25
N PRO A 257 -5.26 -0.97 -18.27
CA PRO A 257 -6.71 -0.69 -18.30
C PRO A 257 -7.07 0.79 -18.24
N PHE A 258 -6.24 1.64 -17.62
CA PHE A 258 -6.55 3.06 -17.56
C PHE A 258 -6.75 3.66 -18.94
N PHE A 259 -6.07 3.12 -19.97
CA PHE A 259 -6.10 3.69 -21.31
C PHE A 259 -7.46 3.51 -21.98
N PHE A 260 -8.36 2.73 -21.40
CA PHE A 260 -9.71 2.55 -21.94
C PHE A 260 -10.74 3.40 -21.24
N MET A 261 -10.35 4.16 -20.21
N MET A 261 -10.32 4.19 -20.24
CA MET A 261 -11.36 4.81 -19.38
CA MET A 261 -11.21 4.89 -19.33
C MET A 261 -11.91 6.10 -19.97
C MET A 261 -11.78 6.18 -19.91
N GLY A 262 -11.47 6.49 -21.17
CA GLY A 262 -12.21 7.53 -21.87
C GLY A 262 -13.65 7.13 -22.14
N ASP A 263 -13.93 5.83 -22.19
CA ASP A 263 -15.30 5.33 -22.25
C ASP A 263 -15.88 5.44 -20.84
N LYS A 264 -16.85 6.34 -20.66
CA LYS A 264 -17.41 6.56 -19.32
C LYS A 264 -18.10 5.31 -18.78
N VAL A 265 -18.61 4.43 -19.66
CA VAL A 265 -19.18 3.17 -19.17
C VAL A 265 -18.14 2.42 -18.34
N LYS A 266 -16.94 2.30 -18.87
CA LYS A 266 -15.87 1.60 -18.17
C LYS A 266 -15.40 2.37 -16.94
N ARG A 267 -15.22 3.69 -17.09
CA ARG A 267 -14.74 4.51 -15.98
C ARG A 267 -15.72 4.46 -14.81
N ASP A 268 -17.02 4.56 -15.09
CA ASP A 268 -18.02 4.43 -14.03
C ASP A 268 -17.93 3.08 -13.34
N ARG A 269 -17.78 2.00 -14.13
CA ARG A 269 -17.69 0.67 -13.52
C ARG A 269 -16.47 0.59 -12.60
N PHE A 270 -15.35 1.16 -13.06
CA PHE A 270 -14.12 1.14 -12.26
C PHE A 270 -14.31 1.91 -10.95
N VAL A 271 -14.79 3.14 -11.04
CA VAL A 271 -14.99 3.95 -9.83
C VAL A 271 -15.91 3.25 -8.84
N GLY A 272 -17.01 2.66 -9.33
CA GLY A 272 -17.90 1.91 -8.46
C GLY A 272 -17.22 0.72 -7.82
N SER A 273 -16.33 0.05 -8.56
CA SER A 273 -15.61 -1.08 -7.98
C SER A 273 -14.61 -0.62 -6.92
N VAL A 274 -14.05 0.58 -7.08
CA VAL A 274 -13.18 1.13 -6.04
C VAL A 274 -13.96 1.40 -4.76
N LYS A 275 -15.16 1.98 -4.89
N LYS A 275 -15.17 1.96 -4.89
CA LYS A 275 -16.00 2.18 -3.72
CA LYS A 275 -15.99 2.18 -3.70
C LYS A 275 -16.27 0.85 -3.02
C LYS A 275 -16.33 0.87 -3.01
N GLU A 276 -16.68 -0.15 -3.79
CA GLU A 276 -16.96 -1.45 -3.20
C GLU A 276 -15.72 -2.03 -2.54
N PHE A 277 -14.55 -1.83 -3.15
CA PHE A 277 -13.30 -2.32 -2.58
C PHE A 277 -13.04 -1.67 -1.21
N LEU A 278 -13.26 -0.35 -1.12
CA LEU A 278 -13.06 0.35 0.16
C LEU A 278 -14.13 -0.01 1.18
N GLN A 279 -15.36 -0.31 0.74
CA GLN A 279 -16.37 -0.80 1.68
C GLN A 279 -16.05 -2.21 2.15
N THR A 280 -15.34 -2.98 1.33
CA THR A 280 -14.97 -4.35 1.68
C THR A 280 -13.77 -4.37 2.61
N TRP A 281 -12.74 -3.59 2.31
CA TRP A 281 -11.46 -3.60 3.03
C TRP A 281 -11.35 -2.28 3.80
N LYS A 282 -11.91 -2.28 5.01
CA LYS A 282 -12.12 -1.03 5.74
C LYS A 282 -10.84 -0.42 6.29
N PHE A 283 -9.73 -1.17 6.33
CA PHE A 283 -8.47 -0.62 6.81
C PHE A 283 -7.82 0.34 5.83
N PHE A 284 -8.25 0.34 4.56
CA PHE A 284 -7.70 1.28 3.57
C PHE A 284 -8.34 2.66 3.73
N ASP A 285 -7.55 3.70 3.47
CA ASP A 285 -7.93 5.09 3.78
C ASP A 285 -8.17 5.96 2.55
N GLY A 286 -8.38 5.36 1.39
CA GLY A 286 -8.54 6.12 0.15
C GLY A 286 -7.99 5.32 -1.01
N VAL A 287 -7.44 6.01 -1.99
CA VAL A 287 -6.94 5.32 -3.18
C VAL A 287 -5.82 6.15 -3.81
N ASP A 288 -4.78 5.45 -4.23
CA ASP A 288 -3.70 6.01 -5.03
C ASP A 288 -3.82 5.49 -6.45
N ILE A 289 -3.78 6.41 -7.42
CA ILE A 289 -3.85 6.07 -8.83
C ILE A 289 -2.44 6.14 -9.40
N ALA A 290 -1.88 4.99 -9.74
CA ALA A 290 -0.54 4.94 -10.32
C ALA A 290 -0.66 4.61 -11.81
N TRP A 291 -1.31 5.47 -12.57
CA TRP A 291 -1.45 5.26 -14.01
C TRP A 291 -0.16 5.67 -14.68
N GLU A 292 0.55 4.69 -15.25
N GLU A 292 0.55 4.72 -15.28
CA GLU A 292 1.82 4.90 -15.93
CA GLU A 292 1.82 5.01 -15.93
C GLU A 292 1.65 4.59 -17.43
C GLU A 292 1.71 4.64 -17.41
N PHE A 293 1.38 5.62 -18.26
CA PHE A 293 1.15 7.01 -17.87
C PHE A 293 0.13 7.55 -18.87
N PRO A 294 -0.61 8.61 -18.50
CA PRO A 294 -1.45 9.28 -19.50
C PRO A 294 -0.61 9.68 -20.70
N GLY A 295 -1.06 9.26 -21.89
CA GLY A 295 -0.33 9.51 -23.11
C GLY A 295 0.56 8.38 -23.57
N GLY A 296 0.78 7.38 -22.73
CA GLY A 296 1.59 6.24 -23.11
C GLY A 296 3.01 6.38 -22.61
N LYS A 297 3.91 5.68 -23.30
CA LYS A 297 5.32 5.58 -22.92
C LYS A 297 5.52 4.84 -21.61
N GLY A 298 4.56 4.02 -21.21
CA GLY A 298 4.76 3.09 -20.13
C GLY A 298 5.16 1.73 -20.67
N ALA A 299 4.64 0.68 -20.04
CA ALA A 299 5.02 -0.67 -20.42
C ALA A 299 4.55 -1.01 -21.84
N ASN A 300 3.35 -0.58 -22.21
CA ASN A 300 2.73 -1.03 -23.46
C ASN A 300 2.99 -0.02 -24.56
N PRO A 301 3.79 -0.36 -25.58
CA PRO A 301 4.06 0.61 -26.66
C PRO A 301 2.88 0.84 -27.58
N ASN A 302 1.81 0.06 -27.45
CA ASN A 302 0.63 0.19 -28.30
C ASN A 302 -0.50 0.96 -27.63
N LEU A 303 -0.27 1.54 -26.46
CA LEU A 303 -1.31 2.30 -25.78
C LEU A 303 -0.84 3.72 -25.52
N GLY A 304 -1.81 4.62 -25.36
CA GLY A 304 -1.55 6.03 -25.16
C GLY A 304 -2.31 6.85 -26.18
N SER A 305 -3.01 7.87 -25.73
CA SER A 305 -3.84 8.67 -26.62
C SER A 305 -3.77 10.12 -26.17
N PRO A 306 -3.90 11.07 -27.10
CA PRO A 306 -3.98 12.48 -26.69
C PRO A 306 -5.16 12.78 -25.79
N GLN A 307 -6.17 11.90 -25.74
CA GLN A 307 -7.33 12.06 -24.88
C GLN A 307 -7.02 11.76 -23.41
N ASP A 308 -5.86 11.15 -23.11
CA ASP A 308 -5.62 10.60 -21.78
C ASP A 308 -5.61 11.69 -20.71
N GLY A 309 -5.09 12.87 -21.02
CA GLY A 309 -5.08 13.93 -20.03
C GLY A 309 -6.46 14.31 -19.56
N GLU A 310 -7.41 14.44 -20.50
CA GLU A 310 -8.78 14.70 -20.11
C GLU A 310 -9.34 13.54 -19.28
N THR A 311 -9.04 12.31 -19.69
CA THR A 311 -9.54 11.14 -18.95
C THR A 311 -9.00 11.14 -17.52
N TYR A 312 -7.72 11.48 -17.35
CA TYR A 312 -7.14 11.53 -16.02
C TYR A 312 -7.87 12.54 -15.14
N VAL A 313 -8.12 13.75 -15.66
CA VAL A 313 -8.81 14.75 -14.86
C VAL A 313 -10.22 14.30 -14.51
N LEU A 314 -10.96 13.74 -15.48
CA LEU A 314 -12.29 13.24 -15.20
C LEU A 314 -12.25 12.13 -14.16
N LEU A 315 -11.29 11.21 -14.29
CA LEU A 315 -11.17 10.12 -13.33
C LEU A 315 -10.93 10.64 -11.92
N MET A 316 -10.01 11.60 -11.76
CA MET A 316 -9.76 12.15 -10.44
C MET A 316 -11.01 12.82 -9.87
N LYS A 317 -11.75 13.57 -10.70
N LYS A 317 -11.72 13.58 -10.70
CA LYS A 317 -12.93 14.24 -10.18
CA LYS A 317 -12.93 14.25 -10.23
C LYS A 317 -14.00 13.25 -9.75
C LYS A 317 -13.95 13.23 -9.74
N GLU A 318 -14.18 12.18 -10.52
CA GLU A 318 -15.19 11.19 -10.18
C GLU A 318 -14.76 10.34 -8.98
N LEU A 319 -13.47 10.02 -8.89
CA LEU A 319 -12.99 9.34 -7.69
C LEU A 319 -13.22 10.19 -6.46
N ARG A 320 -12.89 11.48 -6.55
N ARG A 320 -12.92 11.48 -6.54
CA ARG A 320 -13.09 12.38 -5.42
CA ARG A 320 -13.11 12.33 -5.36
C ARG A 320 -14.57 12.43 -5.01
C ARG A 320 -14.57 12.46 -5.00
N ALA A 321 -15.47 12.52 -6.00
CA ALA A 321 -16.89 12.55 -5.68
C ALA A 321 -17.32 11.27 -4.98
N MET A 322 -16.83 10.13 -5.46
CA MET A 322 -17.14 8.86 -4.79
C MET A 322 -16.57 8.83 -3.37
N LEU A 323 -15.35 9.33 -3.18
CA LEU A 323 -14.74 9.28 -1.86
C LEU A 323 -15.40 10.27 -0.91
N ASP A 324 -15.82 11.44 -1.43
CA ASP A 324 -16.55 12.39 -0.60
C ASP A 324 -17.84 11.79 -0.08
N GLN A 325 -18.54 11.05 -0.95
CA GLN A 325 -19.76 10.36 -0.52
C GLN A 325 -19.46 9.27 0.49
N LEU A 326 -18.43 8.46 0.22
CA LEU A 326 -18.01 7.45 1.18
C LEU A 326 -17.65 8.08 2.53
N SER A 327 -16.97 9.24 2.47
CA SER A 327 -16.55 9.93 3.69
C SER A 327 -17.73 10.31 4.57
N VAL A 328 -18.77 10.91 3.97
CA VAL A 328 -19.91 11.34 4.80
C VAL A 328 -20.76 10.15 5.24
N GLU A 329 -20.72 9.05 4.48
CA GLU A 329 -21.43 7.85 4.92
C GLU A 329 -20.77 7.24 6.14
N THR A 330 -19.43 7.33 6.22
CA THR A 330 -18.67 6.67 7.26
C THR A 330 -18.22 7.61 8.37
N GLY A 331 -18.22 8.92 8.15
CA GLY A 331 -17.59 9.80 9.11
C GLY A 331 -16.08 9.81 9.05
N ARG A 332 -15.48 9.13 8.06
CA ARG A 332 -14.04 9.07 7.94
C ARG A 332 -13.58 10.04 6.85
N LYS A 333 -12.32 10.40 6.92
CA LYS A 333 -11.69 11.16 5.85
C LYS A 333 -10.98 10.17 4.93
N TYR A 334 -11.18 10.33 3.63
CA TYR A 334 -10.54 9.49 2.62
C TYR A 334 -9.65 10.36 1.76
N GLU A 335 -8.51 9.81 1.35
CA GLU A 335 -7.54 10.53 0.55
C GLU A 335 -7.51 9.98 -0.87
N LEU A 336 -7.23 10.87 -1.81
CA LEU A 336 -7.03 10.50 -3.21
C LEU A 336 -5.66 11.01 -3.62
N THR A 337 -4.79 10.12 -4.05
CA THR A 337 -3.45 10.49 -4.45
C THR A 337 -3.14 9.87 -5.81
N SER A 338 -2.00 10.27 -6.37
CA SER A 338 -1.59 9.68 -7.64
C SER A 338 -0.07 9.76 -7.73
N ALA A 339 0.53 8.70 -8.23
CA ALA A 339 1.95 8.70 -8.55
C ALA A 339 2.12 9.06 -10.01
N ILE A 340 2.97 10.05 -10.31
CA ILE A 340 3.04 10.61 -11.66
C ILE A 340 4.49 10.65 -12.15
N SER A 341 4.65 10.65 -13.48
CA SER A 341 5.96 10.84 -14.06
C SER A 341 6.49 12.23 -13.71
N ALA A 342 7.81 12.31 -13.51
CA ALA A 342 8.50 13.55 -13.19
C ALA A 342 9.12 14.23 -14.40
N GLY A 343 8.96 13.67 -15.60
CA GLY A 343 9.47 14.32 -16.80
C GLY A 343 8.55 15.45 -17.23
N LYS A 344 9.15 16.58 -17.59
CA LYS A 344 8.32 17.74 -17.96
C LYS A 344 7.40 17.42 -19.14
N ASP A 345 7.92 16.71 -20.14
N ASP A 345 7.90 16.68 -20.13
CA ASP A 345 7.11 16.36 -21.30
CA ASP A 345 7.08 16.41 -21.31
C ASP A 345 5.88 15.56 -20.88
C ASP A 345 5.95 15.42 -21.02
N MET A 346 6.07 14.61 -19.97
CA MET A 346 4.96 13.78 -19.51
C MET A 346 4.00 14.59 -18.65
N ILE A 347 4.54 15.45 -17.78
CA ILE A 347 3.70 16.25 -16.90
C ILE A 347 2.79 17.16 -17.72
N ASP A 348 3.30 17.69 -18.83
CA ASP A 348 2.52 18.65 -19.58
C ASP A 348 1.42 18.01 -20.42
N LYS A 349 1.27 16.69 -20.39
CA LYS A 349 0.14 16.03 -21.01
C LYS A 349 -1.11 16.07 -20.14
N VAL A 350 -1.01 16.54 -18.92
CA VAL A 350 -2.11 16.54 -17.96
C VAL A 350 -2.22 17.93 -17.35
N ALA A 351 -3.46 18.39 -17.15
CA ALA A 351 -3.71 19.66 -16.47
C ALA A 351 -3.82 19.42 -14.97
N TYR A 352 -2.64 19.27 -14.34
CA TYR A 352 -2.59 19.06 -12.90
C TYR A 352 -3.08 20.27 -12.12
N ASN A 353 -3.03 21.47 -12.71
CA ASN A 353 -3.58 22.63 -12.01
C ASN A 353 -5.08 22.47 -11.79
N VAL A 354 -5.74 21.70 -12.66
CA VAL A 354 -7.15 21.36 -12.47
C VAL A 354 -7.30 20.11 -11.59
N ALA A 355 -6.56 19.04 -11.92
CA ALA A 355 -6.71 17.78 -11.21
C ALA A 355 -6.37 17.91 -9.73
N GLN A 356 -5.46 18.84 -9.39
CA GLN A 356 -5.02 18.98 -8.00
C GLN A 356 -6.17 19.28 -7.06
N ASN A 357 -7.24 19.90 -7.57
CA ASN A 357 -8.38 20.21 -6.71
C ASN A 357 -9.11 18.97 -6.23
N SER A 358 -8.89 17.83 -6.88
CA SER A 358 -9.46 16.57 -6.44
C SER A 358 -8.51 15.74 -5.58
N MET A 359 -7.25 16.14 -5.48
CA MET A 359 -6.21 15.25 -4.96
C MET A 359 -5.63 15.79 -3.67
N ASP A 360 -5.37 14.89 -2.73
CA ASP A 360 -4.68 15.26 -1.49
C ASP A 360 -3.18 15.39 -1.70
N HIS A 361 -2.59 14.50 -2.51
CA HIS A 361 -1.15 14.46 -2.68
C HIS A 361 -0.82 13.96 -4.07
N ILE A 362 0.23 14.54 -4.64
CA ILE A 362 0.81 14.09 -5.90
C ILE A 362 2.17 13.51 -5.57
N PHE A 363 2.33 12.21 -5.83
CA PHE A 363 3.61 11.53 -5.60
C PHE A 363 4.43 11.65 -6.87
N LEU A 364 5.36 12.61 -6.87
CA LEU A 364 6.19 12.88 -8.04
C LEU A 364 7.30 11.85 -8.13
N MET A 365 7.28 11.03 -9.19
CA MET A 365 8.24 9.92 -9.32
C MET A 365 9.60 10.44 -9.80
N SER A 366 10.25 11.20 -8.92
CA SER A 366 11.54 11.82 -9.24
C SER A 366 12.68 10.81 -9.02
N TYR A 367 12.61 9.73 -9.79
CA TYR A 367 13.63 8.70 -9.81
C TYR A 367 13.51 7.98 -11.14
N ASP A 368 14.38 6.99 -11.36
CA ASP A 368 14.48 6.28 -12.65
C ASP A 368 14.79 7.23 -13.81
N PHE A 369 15.42 8.37 -13.53
CA PHE A 369 15.76 9.31 -14.59
C PHE A 369 16.71 8.70 -15.60
N TYR A 370 17.58 7.81 -15.16
CA TYR A 370 18.53 7.12 -16.00
C TYR A 370 18.59 5.67 -15.54
N GLY A 371 19.07 4.79 -16.42
CA GLY A 371 19.18 3.40 -16.07
C GLY A 371 19.66 2.58 -17.24
N ALA A 372 19.67 1.26 -17.03
CA ALA A 372 20.27 0.33 -17.98
C ALA A 372 19.49 0.20 -19.29
N ALA A 373 18.30 0.79 -19.40
CA ALA A 373 17.60 0.76 -20.69
C ALA A 373 18.29 1.59 -21.75
N ASP A 374 19.13 2.55 -21.35
CA ASP A 374 19.93 3.35 -22.27
C ASP A 374 21.38 3.20 -21.82
N LEU A 375 22.19 2.59 -22.67
CA LEU A 375 23.59 2.32 -22.37
C LEU A 375 24.53 3.41 -22.89
N LYS A 376 24.01 4.40 -23.62
CA LYS A 376 24.83 5.46 -24.20
C LYS A 376 24.76 6.76 -23.42
N ASN A 377 23.60 7.09 -22.86
CA ASN A 377 23.41 8.33 -22.10
C ASN A 377 23.28 7.96 -20.63
N LEU A 378 24.35 8.17 -19.86
CA LEU A 378 24.40 7.83 -18.45
C LEU A 378 24.19 9.09 -17.62
N GLY A 379 23.60 8.94 -16.44
CA GLY A 379 23.31 10.09 -15.60
C GLY A 379 22.80 9.66 -14.23
N HIS A 380 22.57 10.64 -13.38
CA HIS A 380 22.05 10.40 -12.03
C HIS A 380 20.56 10.07 -12.11
N GLN A 381 20.17 8.95 -11.51
CA GLN A 381 18.79 8.48 -11.66
C GLN A 381 17.78 9.23 -10.79
N THR A 382 18.23 9.95 -9.74
CA THR A 382 17.26 10.54 -8.81
C THR A 382 17.75 11.87 -8.26
N ALA A 383 18.62 12.56 -9.00
CA ALA A 383 19.27 13.77 -8.51
C ALA A 383 18.28 14.92 -8.34
N LEU A 384 18.63 15.84 -7.43
CA LEU A 384 17.86 17.06 -7.29
C LEU A 384 18.09 17.98 -8.49
N ASN A 385 19.35 18.17 -8.88
CA ASN A 385 19.71 19.11 -9.94
C ASN A 385 20.54 18.42 -11.02
N ALA A 386 20.81 19.18 -12.08
CA ALA A 386 21.72 18.72 -13.12
C ALA A 386 23.16 18.70 -12.59
N PRO A 387 24.00 17.83 -13.12
CA PRO A 387 25.41 17.81 -12.70
C PRO A 387 26.18 18.91 -13.42
N ALA A 388 27.41 19.13 -12.95
CA ALA A 388 28.24 20.19 -13.52
C ALA A 388 28.65 19.89 -14.96
N TRP A 389 28.79 18.60 -15.32
CA TRP A 389 29.23 18.26 -16.66
C TRP A 389 28.11 18.30 -17.69
N LYS A 390 26.85 18.47 -17.28
CA LYS A 390 25.72 18.59 -18.22
C LYS A 390 24.62 19.41 -17.58
N PRO A 391 24.83 20.73 -17.45
CA PRO A 391 23.83 21.57 -16.76
C PRO A 391 22.47 21.64 -17.46
N ASP A 392 22.37 21.23 -18.72
CA ASP A 392 21.08 21.22 -19.41
C ASP A 392 20.35 19.89 -19.27
N THR A 393 20.78 19.04 -18.33
CA THR A 393 20.12 17.75 -18.11
C THR A 393 18.62 17.94 -17.91
N ALA A 394 17.83 17.21 -18.70
CA ALA A 394 16.39 17.40 -18.68
C ALA A 394 15.73 16.79 -17.44
N TYR A 395 16.09 15.55 -17.11
CA TYR A 395 15.37 14.78 -16.09
C TYR A 395 16.08 14.95 -14.75
N THR A 396 15.59 15.92 -13.97
CA THR A 396 16.01 16.15 -12.59
C THR A 396 14.77 16.36 -11.75
N THR A 397 14.92 16.23 -10.43
CA THR A 397 13.81 16.47 -9.53
C THR A 397 13.25 17.89 -9.67
N VAL A 398 14.15 18.88 -9.67
CA VAL A 398 13.72 20.27 -9.71
C VAL A 398 12.94 20.57 -10.97
N ASN A 399 13.36 20.00 -12.10
CA ASN A 399 12.64 20.25 -13.36
C ASN A 399 11.23 19.68 -13.33
N GLY A 400 11.04 18.55 -12.65
CA GLY A 400 9.69 18.01 -12.51
C GLY A 400 8.83 18.86 -11.60
N VAL A 401 9.37 19.24 -10.44
CA VAL A 401 8.66 20.17 -9.55
C VAL A 401 8.31 21.46 -10.29
N ASN A 402 9.30 22.02 -10.99
CA ASN A 402 9.08 23.30 -11.66
C ASN A 402 8.00 23.17 -12.73
N ALA A 403 7.94 22.03 -13.41
CA ALA A 403 6.91 21.83 -14.43
C ALA A 403 5.52 21.86 -13.80
N LEU A 404 5.36 21.22 -12.63
CA LEU A 404 4.08 21.27 -11.93
C LEU A 404 3.77 22.69 -11.46
N LEU A 405 4.74 23.36 -10.84
CA LEU A 405 4.48 24.71 -10.34
C LEU A 405 4.10 25.66 -11.47
N ALA A 406 4.71 25.48 -12.65
CA ALA A 406 4.42 26.34 -13.79
C ALA A 406 3.00 26.18 -14.29
N GLN A 407 2.44 24.97 -14.16
CA GLN A 407 1.03 24.78 -14.50
C GLN A 407 0.12 25.53 -13.54
N GLY A 408 0.58 25.82 -12.34
CA GLY A 408 -0.26 26.34 -11.29
C GLY A 408 -0.52 25.38 -10.14
N VAL A 409 0.18 24.25 -10.08
CA VAL A 409 0.00 23.34 -8.95
C VAL A 409 0.48 24.02 -7.68
N LYS A 410 -0.31 23.94 -6.63
CA LYS A 410 0.12 24.45 -5.34
C LYS A 410 1.28 23.61 -4.82
N PRO A 411 2.32 24.23 -4.27
CA PRO A 411 3.51 23.46 -3.88
C PRO A 411 3.23 22.42 -2.79
N GLY A 412 2.31 22.71 -1.86
CA GLY A 412 2.00 21.79 -0.79
C GLY A 412 1.41 20.47 -1.24
N LYS A 413 0.95 20.39 -2.50
CA LYS A 413 0.43 19.13 -3.02
C LYS A 413 1.54 18.17 -3.43
N ILE A 414 2.77 18.65 -3.63
CA ILE A 414 3.81 17.92 -4.34
C ILE A 414 4.67 17.17 -3.34
N VAL A 415 4.72 15.85 -3.46
CA VAL A 415 5.55 15.00 -2.62
C VAL A 415 6.71 14.50 -3.46
N VAL A 416 7.95 14.84 -3.05
CA VAL A 416 9.14 14.53 -3.82
C VAL A 416 9.56 13.08 -3.57
N GLY A 417 9.98 12.40 -4.63
CA GLY A 417 10.38 11.00 -4.53
C GLY A 417 11.86 10.79 -4.25
N THR A 418 12.14 9.82 -3.39
CA THR A 418 13.48 9.33 -3.11
C THR A 418 13.53 7.85 -3.54
N ALA A 419 14.73 7.39 -3.85
CA ALA A 419 14.93 6.00 -4.26
C ALA A 419 15.59 5.22 -3.12
N MET A 420 15.01 4.06 -2.81
CA MET A 420 15.64 3.12 -1.89
C MET A 420 16.42 2.04 -2.65
N TYR A 421 16.81 2.33 -3.88
CA TYR A 421 17.55 1.40 -4.70
C TYR A 421 18.42 2.21 -5.64
N GLY A 422 19.43 1.54 -6.19
CA GLY A 422 20.22 2.13 -7.24
C GLY A 422 19.91 1.51 -8.60
N ARG A 423 20.19 2.25 -9.65
CA ARG A 423 20.19 1.69 -11.00
C ARG A 423 21.61 1.77 -11.52
N GLY A 424 21.96 0.88 -12.43
CA GLY A 424 23.35 0.96 -12.84
C GLY A 424 23.70 0.13 -14.06
N TRP A 425 24.96 0.25 -14.45
CA TRP A 425 25.48 -0.27 -15.70
C TRP A 425 26.75 -1.05 -15.40
N THR A 426 27.13 -1.90 -16.35
CA THR A 426 28.43 -2.56 -16.30
C THR A 426 29.24 -2.17 -17.53
N GLY A 427 30.56 -2.37 -17.43
CA GLY A 427 31.44 -2.10 -18.55
C GLY A 427 31.54 -0.65 -18.98
N VAL A 428 31.28 0.30 -18.07
CA VAL A 428 31.40 1.71 -18.43
C VAL A 428 32.83 2.02 -18.83
N ASN A 429 32.99 2.73 -19.94
CA ASN A 429 34.29 2.94 -20.54
C ASN A 429 34.25 4.23 -21.35
N GLY A 430 35.43 4.73 -21.72
CA GLY A 430 35.48 5.89 -22.57
C GLY A 430 34.98 7.16 -21.93
N TYR A 431 35.18 7.32 -20.64
CA TYR A 431 34.75 8.52 -19.94
C TYR A 431 35.97 9.42 -19.71
N GLN A 432 35.69 10.70 -19.53
CA GLN A 432 36.74 11.70 -19.43
C GLN A 432 36.72 12.36 -18.05
N ASN A 433 37.89 12.82 -17.63
CA ASN A 433 38.04 13.67 -16.45
C ASN A 433 37.54 13.00 -15.16
N ASN A 434 37.68 11.69 -15.08
CA ASN A 434 37.30 10.93 -13.89
C ASN A 434 35.80 11.04 -13.57
N ILE A 435 34.97 11.26 -14.60
CA ILE A 435 33.52 11.25 -14.44
C ILE A 435 32.96 10.07 -15.23
N PRO A 436 32.66 8.94 -14.59
CA PRO A 436 32.19 7.78 -15.36
C PRO A 436 30.94 8.04 -16.18
N PHE A 437 30.08 8.99 -15.75
CA PHE A 437 28.83 9.24 -16.48
C PHE A 437 29.05 9.76 -17.89
N THR A 438 30.24 10.30 -18.19
CA THR A 438 30.52 10.79 -19.53
C THR A 438 30.90 9.68 -20.51
N GLY A 439 30.95 8.44 -20.06
CA GLY A 439 31.28 7.32 -20.91
C GLY A 439 30.04 6.65 -21.48
N THR A 440 30.21 5.40 -21.89
CA THR A 440 29.11 4.56 -22.31
C THR A 440 29.30 3.19 -21.68
N ALA A 441 28.20 2.45 -21.59
CA ALA A 441 28.19 1.15 -20.93
C ALA A 441 28.01 0.04 -21.94
N THR A 442 28.26 -1.19 -21.49
CA THR A 442 28.03 -2.38 -22.30
C THR A 442 26.85 -3.22 -21.84
N GLY A 443 26.25 -2.91 -20.70
CA GLY A 443 25.14 -3.68 -20.20
C GLY A 443 24.69 -3.18 -18.84
N PRO A 444 23.71 -3.85 -18.25
CA PRO A 444 23.21 -3.44 -16.94
C PRO A 444 24.13 -3.97 -15.85
N VAL A 445 24.13 -3.28 -14.71
CA VAL A 445 24.79 -3.83 -13.54
C VAL A 445 24.00 -5.05 -13.08
N LYS A 446 24.71 -6.02 -12.50
CA LYS A 446 24.02 -7.16 -11.93
C LYS A 446 23.13 -6.70 -10.79
N GLY A 447 21.87 -7.14 -10.81
CA GLY A 447 20.89 -6.66 -9.85
C GLY A 447 20.74 -7.55 -8.64
N THR A 448 20.11 -7.00 -7.59
CA THR A 448 19.79 -7.82 -6.43
C THR A 448 18.73 -8.85 -6.79
N TRP A 449 17.67 -8.42 -7.48
CA TRP A 449 16.54 -9.28 -7.84
C TRP A 449 16.24 -9.19 -9.32
N GLU A 450 16.50 -8.03 -9.92
CA GLU A 450 16.17 -7.73 -11.31
C GLU A 450 17.36 -7.01 -11.93
N ASN A 451 17.57 -7.23 -13.23
CA ASN A 451 18.71 -6.65 -13.92
C ASN A 451 18.72 -5.14 -13.77
N GLY A 452 19.89 -4.59 -13.46
CA GLY A 452 20.13 -3.17 -13.49
C GLY A 452 19.63 -2.41 -12.29
N ILE A 453 19.16 -3.11 -11.25
CA ILE A 453 18.60 -2.50 -10.05
C ILE A 453 19.21 -3.18 -8.84
N VAL A 454 19.64 -2.37 -7.87
CA VAL A 454 20.32 -2.87 -6.67
C VAL A 454 19.65 -2.26 -5.45
N ASP A 455 19.19 -3.11 -4.52
CA ASP A 455 18.64 -2.60 -3.27
C ASP A 455 19.66 -1.69 -2.59
N TYR A 456 19.17 -0.59 -2.00
CA TYR A 456 20.08 0.26 -1.23
C TYR A 456 20.78 -0.53 -0.14
N ARG A 457 20.05 -1.46 0.51
CA ARG A 457 20.65 -2.31 1.52
C ARG A 457 21.91 -2.98 1.01
N GLN A 458 21.88 -3.44 -0.25
CA GLN A 458 23.06 -4.08 -0.85
C GLN A 458 24.14 -3.08 -1.25
N ILE A 459 23.76 -1.89 -1.71
CA ILE A 459 24.77 -0.87 -2.00
C ILE A 459 25.57 -0.57 -0.74
N ALA A 460 24.86 -0.27 0.35
CA ALA A 460 25.53 0.02 1.61
C ALA A 460 26.30 -1.19 2.12
N GLY A 461 25.76 -2.38 1.92
CA GLY A 461 26.36 -3.56 2.53
C GLY A 461 27.53 -4.13 1.77
N GLN A 462 27.59 -3.93 0.45
CA GLN A 462 28.56 -4.62 -0.38
C GLN A 462 29.41 -3.69 -1.23
N PHE A 463 28.86 -2.54 -1.63
CA PHE A 463 29.48 -1.69 -2.64
C PHE A 463 30.01 -0.39 -2.06
N MET A 464 30.27 -0.36 -0.76
CA MET A 464 30.94 0.73 -0.09
C MET A 464 32.21 0.23 0.60
N SER A 465 32.91 -0.70 -0.06
CA SER A 465 34.20 -1.19 0.42
C SER A 465 34.96 -1.76 -0.77
N GLY A 466 36.19 -2.22 -0.52
CA GLY A 466 36.98 -2.80 -1.58
C GLY A 466 37.34 -1.79 -2.65
N GLU A 467 37.18 -2.18 -3.91
CA GLU A 467 37.60 -1.36 -5.05
C GLU A 467 36.63 -0.25 -5.37
N TRP A 468 35.42 -0.27 -4.80
CA TRP A 468 34.40 0.68 -5.19
C TRP A 468 34.77 2.10 -4.78
N GLN A 469 34.76 3.01 -5.74
CA GLN A 469 34.85 4.42 -5.42
C GLN A 469 33.50 4.91 -4.92
N TYR A 470 33.51 5.91 -4.04
CA TYR A 470 32.28 6.59 -3.64
C TYR A 470 32.48 8.07 -3.87
N THR A 471 31.51 8.71 -4.50
CA THR A 471 31.55 10.14 -4.77
C THR A 471 30.18 10.73 -4.48
N TYR A 472 30.17 11.86 -3.78
CA TYR A 472 28.95 12.65 -3.62
C TYR A 472 29.06 13.87 -4.52
N ASP A 473 28.18 13.96 -5.51
CA ASP A 473 28.12 15.10 -6.40
C ASP A 473 27.26 16.17 -5.73
N ALA A 474 27.90 17.23 -5.24
CA ALA A 474 27.18 18.25 -4.49
C ALA A 474 26.44 19.23 -5.39
N THR A 475 26.77 19.27 -6.69
CA THR A 475 25.99 20.11 -7.58
C THR A 475 24.65 19.46 -7.88
N ALA A 476 24.67 18.19 -8.30
CA ALA A 476 23.45 17.44 -8.56
C ALA A 476 22.72 17.07 -7.28
N GLU A 477 23.45 16.94 -6.15
CA GLU A 477 22.97 16.30 -4.93
C GLU A 477 22.66 14.82 -5.18
N ALA A 478 23.73 14.06 -5.42
CA ALA A 478 23.58 12.68 -5.84
C ALA A 478 24.85 11.87 -5.63
N PRO A 479 24.78 10.75 -4.91
CA PRO A 479 25.95 9.90 -4.73
C PRO A 479 26.02 8.85 -5.84
N TYR A 480 27.23 8.33 -6.05
CA TYR A 480 27.40 7.22 -6.97
C TYR A 480 28.63 6.43 -6.59
N VAL A 481 28.57 5.13 -6.89
CA VAL A 481 29.70 4.23 -6.66
C VAL A 481 30.16 3.67 -8.00
N PHE A 482 31.45 3.40 -8.08
CA PHE A 482 32.03 2.99 -9.35
C PHE A 482 33.16 2.01 -9.09
N LYS A 483 33.13 0.88 -9.77
CA LYS A 483 34.17 -0.13 -9.69
C LYS A 483 34.97 -0.10 -10.99
N PRO A 484 36.17 0.47 -11.01
CA PRO A 484 36.87 0.69 -12.29
C PRO A 484 37.25 -0.58 -13.03
N SER A 485 37.56 -1.67 -12.32
CA SER A 485 38.05 -2.87 -13.00
C SER A 485 36.98 -3.49 -13.89
N THR A 486 35.70 -3.35 -13.54
CA THR A 486 34.62 -3.91 -14.32
C THR A 486 33.74 -2.85 -14.96
N GLY A 487 33.94 -1.58 -14.62
CA GLY A 487 33.09 -0.53 -15.13
C GLY A 487 31.68 -0.56 -14.58
N ASP A 488 31.49 -1.11 -13.39
CA ASP A 488 30.18 -1.09 -12.74
C ASP A 488 29.95 0.29 -12.13
N LEU A 489 28.83 0.92 -12.49
CA LEU A 489 28.48 2.27 -12.06
C LEU A 489 27.06 2.22 -11.54
N ILE A 490 26.85 2.66 -10.30
CA ILE A 490 25.52 2.62 -9.67
C ILE A 490 25.15 4.01 -9.17
N THR A 491 23.96 4.47 -9.54
CA THR A 491 23.42 5.75 -9.12
C THR A 491 22.21 5.53 -8.22
N PHE A 492 22.15 6.28 -7.13
CA PHE A 492 21.22 5.97 -6.03
C PHE A 492 21.06 7.21 -5.17
N ASP A 493 20.17 7.13 -4.18
CA ASP A 493 20.04 8.13 -3.13
C ASP A 493 20.76 7.63 -1.88
N ASP A 494 21.38 8.56 -1.15
CA ASP A 494 21.91 8.20 0.17
C ASP A 494 21.39 9.17 1.22
N ALA A 495 21.86 9.05 2.47
CA ALA A 495 21.34 9.91 3.52
C ALA A 495 21.51 11.39 3.18
N ARG A 496 22.62 11.74 2.55
CA ARG A 496 22.89 13.14 2.24
C ARG A 496 22.00 13.67 1.11
N SER A 497 21.86 12.91 0.02
CA SER A 497 20.99 13.39 -1.07
C SER A 497 19.55 13.46 -0.61
N VAL A 498 19.13 12.52 0.23
CA VAL A 498 17.79 12.61 0.80
C VAL A 498 17.67 13.86 1.66
N GLN A 499 18.70 14.16 2.45
N GLN A 499 18.70 14.18 2.44
CA GLN A 499 18.69 15.39 3.24
CA GLN A 499 18.66 15.40 3.25
C GLN A 499 18.55 16.63 2.35
C GLN A 499 18.56 16.64 2.36
N ALA A 500 19.25 16.64 1.22
CA ALA A 500 19.10 17.76 0.29
C ALA A 500 17.68 17.86 -0.23
N LYS A 501 17.04 16.72 -0.51
CA LYS A 501 15.64 16.74 -0.95
C LYS A 501 14.72 17.24 0.16
N GLY A 502 14.93 16.79 1.39
CA GLY A 502 14.09 17.24 2.49
C GLY A 502 14.22 18.73 2.74
N LYS A 503 15.45 19.25 2.72
CA LYS A 503 15.65 20.68 2.88
C LYS A 503 14.99 21.46 1.74
N TYR A 504 15.10 20.93 0.52
CA TYR A 504 14.45 21.54 -0.63
C TYR A 504 12.94 21.55 -0.45
N VAL A 505 12.38 20.45 0.07
CA VAL A 505 10.94 20.41 0.35
C VAL A 505 10.56 21.49 1.35
N LEU A 506 11.31 21.62 2.44
CA LEU A 506 10.96 22.64 3.43
C LEU A 506 11.13 24.05 2.85
N ASP A 507 12.20 24.28 2.11
N ASP A 507 12.20 24.28 2.09
CA ASP A 507 12.45 25.61 1.54
CA ASP A 507 12.46 25.61 1.54
C ASP A 507 11.35 26.00 0.57
C ASP A 507 11.39 26.01 0.53
N LYS A 508 10.99 25.10 -0.35
CA LYS A 508 10.00 25.39 -1.38
C LYS A 508 8.57 25.14 -0.92
N GLN A 509 8.38 24.75 0.35
CA GLN A 509 7.05 24.52 0.92
C GLN A 509 6.30 23.42 0.18
N LEU A 510 7.02 22.36 -0.18
CA LEU A 510 6.42 21.21 -0.82
C LEU A 510 5.76 20.32 0.23
N GLY A 511 5.18 19.21 -0.23
CA GLY A 511 4.32 18.43 0.64
C GLY A 511 5.03 17.41 1.50
N GLY A 512 6.20 16.94 1.07
CA GLY A 512 6.96 15.95 1.83
C GLY A 512 7.77 15.07 0.91
N LEU A 513 8.08 13.87 1.40
CA LEU A 513 8.88 12.91 0.63
C LEU A 513 8.20 11.55 0.65
N PHE A 514 8.45 10.76 -0.40
CA PHE A 514 8.00 9.38 -0.43
C PHE A 514 9.03 8.55 -1.19
N SER A 515 8.96 7.23 -1.01
CA SER A 515 9.93 6.34 -1.64
C SER A 515 9.22 5.12 -2.21
N ALA A 516 9.78 4.51 -3.25
N ALA A 516 9.97 4.46 -3.11
CA ALA A 516 8.96 3.58 -4.02
CA ALA A 516 9.84 3.07 -3.50
C ALA A 516 9.01 2.13 -3.55
C ALA A 516 11.23 2.44 -3.40
N MET A 517 9.84 1.80 -2.57
N MET A 517 11.28 1.17 -2.98
CA MET A 517 10.18 0.40 -2.35
CA MET A 517 10.19 0.45 -2.33
C MET A 517 10.70 0.15 -0.94
C MET A 517 10.70 0.25 -0.92
N ILE A 518 9.80 0.12 0.06
CA ILE A 518 10.22 0.12 1.46
C ILE A 518 11.14 -1.06 1.80
N ASP A 519 10.97 -2.20 1.11
CA ASP A 519 11.73 -3.39 1.46
C ASP A 519 13.23 -3.24 1.21
N ALA A 520 13.64 -2.29 0.38
CA ALA A 520 15.02 -2.22 -0.09
C ALA A 520 15.91 -1.34 0.77
N ASP A 521 15.33 -0.60 1.71
CA ASP A 521 16.08 0.25 2.63
C ASP A 521 16.64 -0.58 3.77
N ASN A 522 17.79 -0.15 4.29
CA ASN A 522 18.27 -0.69 5.56
C ASN A 522 17.90 0.20 6.73
N GLY A 523 17.21 1.32 6.49
CA GLY A 523 16.89 2.32 7.50
C GLY A 523 17.49 3.68 7.23
N ASP A 524 18.66 3.71 6.56
CA ASP A 524 19.34 4.98 6.29
C ASP A 524 18.45 5.96 5.53
N ILE A 525 17.73 5.47 4.52
CA ILE A 525 16.96 6.39 3.67
C ILE A 525 15.76 6.94 4.41
N LEU A 526 14.95 6.06 5.02
CA LEU A 526 13.78 6.54 5.73
C LEU A 526 14.16 7.39 6.93
N ASN A 527 15.24 7.03 7.64
CA ASN A 527 15.72 7.87 8.73
C ASN A 527 15.97 9.29 8.24
N SER A 528 16.63 9.42 7.08
CA SER A 528 16.97 10.73 6.56
C SER A 528 15.74 11.47 6.05
N MET A 529 14.79 10.75 5.44
CA MET A 529 13.53 11.40 5.04
C MET A 529 12.87 12.06 6.23
N ASN A 530 12.80 11.33 7.36
CA ASN A 530 12.18 11.87 8.57
C ASN A 530 12.98 13.03 9.13
N ALA A 531 14.29 12.84 9.32
CA ALA A 531 15.11 13.89 9.94
C ALA A 531 15.10 15.16 9.10
N SER A 532 15.26 15.00 7.79
CA SER A 532 15.40 16.16 6.91
C SER A 532 14.12 16.97 6.79
N LEU A 533 12.97 16.37 7.08
CA LEU A 533 11.72 17.11 7.05
C LEU A 533 11.40 17.75 8.40
N GLY A 534 12.26 17.54 9.39
CA GLY A 534 12.10 18.16 10.69
C GLY A 534 11.36 17.34 11.70
N ASN A 535 11.10 16.06 11.43
CA ASN A 535 10.48 15.22 12.43
C ASN A 535 11.43 15.01 13.61
N SER A 536 10.88 15.07 14.82
CA SER A 536 11.68 14.91 16.03
C SER A 536 12.00 13.43 16.26
N ALA A 537 13.20 13.17 16.75
CA ALA A 537 13.56 11.83 17.16
C ALA A 537 12.74 11.43 18.38
N GLY A 538 12.44 10.15 18.47
CA GLY A 538 11.73 9.60 19.61
C GLY A 538 10.42 8.95 19.20
N VAL A 539 9.63 8.60 20.21
CA VAL A 539 8.35 7.94 20.01
C VAL A 539 7.22 8.89 20.42
N GLN A 540 6.08 8.74 19.76
CA GLN A 540 4.94 9.65 19.97
C GLN A 540 4.14 9.33 21.24
#